data_4UU9
#
_entry.id   4UU9
#
_cell.length_a   56.854
_cell.length_b   117.472
_cell.length_c   126.457
_cell.angle_alpha   90.00
_cell.angle_beta   90.00
_cell.angle_gamma   90.00
#
_symmetry.space_group_name_H-M   'P 21 21 21'
#
loop_
_entity.id
_entity.type
_entity.pdbx_description
1 polymer MEDI7814
2 polymer MEDI7814
3 polymer 'COMPLEMENT C5'
4 non-polymer 'SULFATE ION'
5 water water
#
loop_
_entity_poly.entity_id
_entity_poly.type
_entity_poly.pdbx_seq_one_letter_code
_entity_poly.pdbx_strand_id
1 'polypeptide(L)'
;EVQLLESGGGLVQPGGSLRLSCAASGFTFSSYAMSWVRQAPGKGLEWVSAISGSGGSTYYADSVKGRFTISRDNSKNTLY
LQMNSLRAEDTAVYYCARDDDYEEWPWYYGMDVWGQGTMVTVS
;
A,H
2 'polypeptide(L)'
;QSALTQPASVSGSPGQSITISCTGTSSDIGGSKYVSWYQQHPGKAPKLIIFDVNRRPSGLSNRFSASKSGNTASLTISGL
QAEDEADYYCTSYHPTKTILFGGGTKLTVLA
;
B,L
3 'polypeptide(L)' STLQKKIEEIAAKYKHSVVKKCCYDGACVNNDETCEQRAARISLGPRCIKAFTECCVVASQLRANISHKDMQLGR C,D
#
loop_
_chem_comp.id
_chem_comp.type
_chem_comp.name
_chem_comp.formula
SO4 non-polymer 'SULFATE ION' 'O4 S -2'
#
# COMPACT_ATOMS: atom_id res chain seq x y z
N GLU A 1 -6.94 2.53 -9.48
CA GLU A 1 -5.73 2.58 -8.60
C GLU A 1 -4.53 1.86 -9.26
N VAL A 2 -4.61 0.53 -9.37
CA VAL A 2 -3.52 -0.23 -9.99
C VAL A 2 -3.59 -0.14 -11.52
N GLN A 3 -2.45 0.13 -12.14
CA GLN A 3 -2.36 0.22 -13.59
C GLN A 3 -1.07 -0.47 -14.05
N LEU A 4 -1.14 -1.11 -15.23
CA LEU A 4 0.01 -1.62 -15.93
C LEU A 4 -0.06 -1.10 -17.37
N LEU A 5 1.07 -0.75 -17.97
CA LEU A 5 1.07 -0.31 -19.37
C LEU A 5 2.31 -0.78 -20.12
N GLU A 6 2.09 -1.54 -21.19
CA GLU A 6 3.17 -2.08 -21.99
C GLU A 6 3.54 -1.07 -23.07
N SER A 7 4.76 -1.19 -23.55
CA SER A 7 5.22 -0.47 -24.73
C SER A 7 6.38 -1.22 -25.36
N GLY A 8 6.74 -0.82 -26.58
CA GLY A 8 7.86 -1.43 -27.31
C GLY A 8 7.44 -2.30 -28.49
N GLY A 9 6.12 -2.51 -28.64
CA GLY A 9 5.60 -3.31 -29.74
C GLY A 9 5.73 -2.61 -31.08
N GLY A 10 5.81 -3.41 -32.14
CA GLY A 10 5.94 -2.89 -33.49
C GLY A 10 6.27 -3.98 -34.49
N LEU A 11 6.49 -3.57 -35.74
CA LEU A 11 6.83 -4.48 -36.81
C LEU A 11 8.32 -4.80 -36.76
N VAL A 12 8.67 -6.07 -36.98
CA VAL A 12 10.06 -6.49 -37.03
C VAL A 12 10.22 -7.65 -38.03
N GLN A 13 11.37 -7.69 -38.71
CA GLN A 13 11.67 -8.77 -39.65
C GLN A 13 12.04 -10.03 -38.87
N PRO A 14 11.77 -11.22 -39.45
CA PRO A 14 12.12 -12.48 -38.77
C PRO A 14 13.63 -12.59 -38.54
N GLY A 15 14.01 -13.08 -37.37
CA GLY A 15 15.41 -13.08 -36.96
C GLY A 15 15.80 -11.85 -36.14
N GLY A 16 14.97 -10.82 -36.16
CA GLY A 16 15.26 -9.56 -35.46
C GLY A 16 15.03 -9.61 -33.95
N SER A 17 15.22 -8.45 -33.32
CA SER A 17 15.08 -8.30 -31.87
C SER A 17 14.13 -7.16 -31.53
N LEU A 18 13.66 -7.17 -30.29
CA LEU A 18 12.71 -6.17 -29.79
C LEU A 18 12.73 -6.22 -28.27
N ARG A 19 12.55 -5.07 -27.63
CA ARG A 19 12.44 -5.02 -26.18
C ARG A 19 11.11 -4.43 -25.75
N LEU A 20 10.35 -5.19 -24.99
CA LEU A 20 9.11 -4.70 -24.42
C LEU A 20 9.36 -4.21 -23.03
N SER A 21 8.59 -3.21 -22.60
CA SER A 21 8.63 -2.77 -21.22
C SER A 21 7.22 -2.69 -20.71
N CYS A 22 7.09 -2.73 -19.39
CA CYS A 22 5.81 -2.59 -18.74
C CYS A 22 6.01 -1.77 -17.49
N ALA A 23 5.28 -0.67 -17.39
CA ALA A 23 5.36 0.21 -16.22
C ALA A 23 4.16 -0.06 -15.31
N ALA A 24 4.38 -0.02 -14.00
CA ALA A 24 3.35 -0.33 -13.02
C ALA A 24 3.20 0.78 -12.00
N SER A 25 1.96 1.02 -11.59
CA SER A 25 1.66 1.93 -10.48
C SER A 25 0.52 1.39 -9.63
N GLY A 26 0.48 1.83 -8.38
CA GLY A 26 -0.63 1.52 -7.49
C GLY A 26 -0.33 0.40 -6.51
N PHE A 27 0.83 -0.22 -6.62
CA PHE A 27 1.19 -1.29 -5.68
C PHE A 27 2.70 -1.38 -5.53
N THR A 28 3.14 -2.04 -4.47
CA THR A 28 4.57 -2.21 -4.23
C THR A 28 5.07 -3.27 -5.22
N PHE A 29 5.75 -2.79 -6.25
CA PHE A 29 6.12 -3.61 -7.39
C PHE A 29 6.91 -4.83 -6.95
N SER A 30 7.90 -4.62 -6.10
CA SER A 30 8.78 -5.69 -5.64
C SER A 30 8.10 -6.77 -4.79
N SER A 31 6.86 -6.54 -4.35
CA SER A 31 6.12 -7.56 -3.62
C SER A 31 5.45 -8.61 -4.51
N TYR A 32 5.47 -8.42 -5.83
CA TYR A 32 4.68 -9.26 -6.71
C TYR A 32 5.51 -9.86 -7.83
N ALA A 33 5.29 -11.15 -8.06
CA ALA A 33 5.75 -11.79 -9.28
C ALA A 33 5.01 -11.14 -10.45
N MET A 34 5.68 -11.07 -11.59
CA MET A 34 5.06 -10.54 -12.81
C MET A 34 5.23 -11.54 -13.95
N SER A 35 4.25 -11.56 -14.86
CA SER A 35 4.29 -12.43 -16.02
C SER A 35 4.08 -11.66 -17.31
N TRP A 36 4.54 -12.27 -18.40
CA TRP A 36 4.16 -11.88 -19.74
C TRP A 36 3.33 -12.99 -20.32
N VAL A 37 2.20 -12.62 -20.94
CA VAL A 37 1.28 -13.55 -21.58
C VAL A 37 0.97 -12.99 -22.95
N ARG A 38 0.91 -13.84 -23.96
CA ARG A 38 0.65 -13.37 -25.30
C ARG A 38 -0.58 -14.01 -25.93
N GLN A 39 -1.13 -13.32 -26.92
CA GLN A 39 -2.31 -13.79 -27.62
C GLN A 39 -2.19 -13.45 -29.10
N ALA A 40 -2.04 -14.47 -29.93
CA ALA A 40 -2.04 -14.25 -31.37
C ALA A 40 -3.45 -13.87 -31.82
N PRO A 41 -3.57 -12.96 -32.81
CA PRO A 41 -4.87 -12.50 -33.32
C PRO A 41 -5.89 -13.62 -33.52
N GLY A 42 -7.02 -13.52 -32.81
CA GLY A 42 -8.08 -14.52 -32.87
C GLY A 42 -7.77 -15.83 -32.17
N LYS A 43 -6.66 -15.90 -31.42
CA LYS A 43 -6.24 -17.14 -30.76
C LYS A 43 -6.34 -17.01 -29.24
N GLY A 44 -5.96 -18.06 -28.55
CA GLY A 44 -6.03 -18.13 -27.11
C GLY A 44 -4.84 -17.49 -26.41
N LEU A 45 -4.84 -17.58 -25.10
CA LEU A 45 -3.77 -17.00 -24.30
C LEU A 45 -2.65 -18.02 -24.14
N GLU A 46 -1.42 -17.54 -24.21
CA GLU A 46 -0.25 -18.38 -24.01
C GLU A 46 0.68 -17.66 -23.05
N TRP A 47 1.03 -18.32 -21.95
CA TRP A 47 1.96 -17.76 -21.00
C TRP A 47 3.36 -17.81 -21.61
N VAL A 48 4.13 -16.75 -21.42
CA VAL A 48 5.45 -16.62 -22.02
C VAL A 48 6.58 -16.74 -20.99
N SER A 49 6.50 -15.92 -19.95
CA SER A 49 7.59 -15.79 -19.00
C SER A 49 7.12 -15.19 -17.68
N ALA A 50 7.81 -15.53 -16.58
CA ALA A 50 7.52 -14.92 -15.28
C ALA A 50 8.80 -14.63 -14.51
N ILE A 51 8.69 -13.67 -13.57
CA ILE A 51 9.81 -13.27 -12.73
C ILE A 51 9.31 -13.00 -11.31
N SER A 52 10.02 -13.52 -10.32
CA SER A 52 9.64 -13.34 -8.92
C SER A 52 9.82 -11.88 -8.48
N GLY A 53 9.21 -11.54 -7.36
CA GLY A 53 9.29 -10.17 -6.82
C GLY A 53 10.69 -9.61 -6.77
N SER A 54 11.61 -10.40 -6.22
CA SER A 54 13.01 -9.98 -6.08
C SER A 54 13.81 -9.98 -7.38
N GLY A 55 13.32 -10.69 -8.40
CA GLY A 55 14.09 -10.90 -9.62
C GLY A 55 15.00 -12.12 -9.55
N GLY A 56 15.02 -12.79 -8.40
CA GLY A 56 15.90 -13.94 -8.17
C GLY A 56 15.50 -15.23 -8.88
N SER A 57 14.24 -15.34 -9.27
CA SER A 57 13.76 -16.49 -10.05
C SER A 57 13.08 -16.04 -11.32
N THR A 58 13.38 -16.72 -12.43
CA THR A 58 12.72 -16.47 -13.70
C THR A 58 12.22 -17.79 -14.28
N TYR A 59 11.16 -17.71 -15.08
CA TYR A 59 10.54 -18.89 -15.68
C TYR A 59 10.20 -18.53 -17.11
N TYR A 60 10.33 -19.51 -18.01
CA TYR A 60 10.06 -19.34 -19.44
C TYR A 60 9.32 -20.54 -20.02
N ALA A 61 8.44 -20.28 -20.98
CA ALA A 61 7.82 -21.35 -21.76
C ALA A 61 8.88 -22.02 -22.64
N ASP A 62 8.69 -23.30 -22.91
CA ASP A 62 9.60 -24.05 -23.79
C ASP A 62 9.85 -23.35 -25.12
N SER A 63 8.80 -22.81 -25.72
CA SER A 63 8.89 -22.21 -27.05
C SER A 63 9.70 -20.92 -27.11
N VAL A 64 9.97 -20.29 -25.97
CA VAL A 64 10.82 -19.10 -25.97
C VAL A 64 12.11 -19.29 -25.18
N LYS A 65 12.33 -20.47 -24.60
CA LYS A 65 13.53 -20.70 -23.80
C LYS A 65 14.78 -20.55 -24.68
N GLY A 66 15.75 -19.79 -24.19
CA GLY A 66 16.97 -19.50 -24.94
C GLY A 66 16.93 -18.25 -25.82
N ARG A 67 15.73 -17.76 -26.14
CA ARG A 67 15.58 -16.58 -27.00
C ARG A 67 15.09 -15.33 -26.27
N PHE A 68 14.22 -15.51 -25.28
CA PHE A 68 13.63 -14.41 -24.53
C PHE A 68 14.27 -14.30 -23.16
N THR A 69 14.43 -13.08 -22.68
CA THR A 69 14.94 -12.84 -21.35
C THR A 69 14.06 -11.83 -20.61
N ILE A 70 13.53 -12.24 -19.46
CA ILE A 70 12.70 -11.39 -18.63
C ILE A 70 13.55 -10.75 -17.54
N SER A 71 13.23 -9.51 -17.19
CA SER A 71 13.90 -8.84 -16.07
C SER A 71 13.01 -7.72 -15.52
N ARG A 72 13.44 -7.13 -14.40
CA ARG A 72 12.68 -6.07 -13.77
C ARG A 72 13.63 -5.09 -13.09
N ASP A 73 13.23 -3.83 -13.03
CA ASP A 73 13.95 -2.82 -12.27
C ASP A 73 13.02 -2.35 -11.15
N ASN A 74 13.23 -2.88 -9.94
CA ASN A 74 12.31 -2.61 -8.85
C ASN A 74 12.33 -1.16 -8.36
N SER A 75 13.43 -0.45 -8.62
CA SER A 75 13.50 0.97 -8.30
C SER A 75 12.69 1.84 -9.26
N LYS A 76 12.26 1.30 -10.41
CA LYS A 76 11.48 2.08 -11.39
C LYS A 76 10.10 1.51 -11.71
N ASN A 77 9.66 0.53 -10.94
CA ASN A 77 8.37 -0.10 -11.18
C ASN A 77 8.24 -0.56 -12.63
N THR A 78 9.31 -1.13 -13.18
CA THR A 78 9.34 -1.50 -14.58
C THR A 78 9.74 -2.96 -14.78
N LEU A 79 9.02 -3.61 -15.69
CA LEU A 79 9.29 -4.97 -16.14
C LEU A 79 9.71 -4.94 -17.61
N TYR A 80 10.60 -5.84 -17.99
CA TYR A 80 11.14 -5.89 -19.36
C TYR A 80 11.08 -7.29 -19.94
N LEU A 81 10.97 -7.37 -21.25
CA LEU A 81 11.13 -8.65 -21.94
C LEU A 81 12.01 -8.39 -23.15
N GLN A 82 13.22 -8.95 -23.11
CA GLN A 82 14.13 -8.88 -24.23
C GLN A 82 13.83 -10.07 -25.15
N MET A 83 13.36 -9.79 -26.36
CA MET A 83 13.01 -10.85 -27.32
C MET A 83 14.00 -10.90 -28.48
N ASN A 84 14.77 -11.99 -28.56
CA ASN A 84 15.73 -12.19 -29.64
C ASN A 84 15.28 -13.31 -30.55
N SER A 85 15.91 -13.39 -31.73
CA SER A 85 15.69 -14.49 -32.68
C SER A 85 14.22 -14.68 -32.97
N LEU A 86 13.53 -13.57 -33.20
CA LEU A 86 12.08 -13.59 -33.36
C LEU A 86 11.69 -14.35 -34.63
N ARG A 87 10.59 -15.07 -34.54
CA ARG A 87 10.02 -15.77 -35.69
C ARG A 87 8.55 -15.42 -35.85
N ALA A 88 7.99 -15.77 -37.00
CA ALA A 88 6.59 -15.46 -37.32
C ALA A 88 5.65 -16.00 -36.26
N GLU A 89 6.01 -17.14 -35.64
CA GLU A 89 5.20 -17.76 -34.59
C GLU A 89 5.06 -16.88 -33.34
N ASP A 90 5.94 -15.90 -33.19
CA ASP A 90 5.93 -15.00 -32.06
C ASP A 90 4.99 -13.79 -32.19
N THR A 91 4.41 -13.62 -33.37
CA THR A 91 3.47 -12.53 -33.63
C THR A 91 2.26 -12.60 -32.71
N ALA A 92 2.05 -11.55 -31.92
CA ALA A 92 0.95 -11.54 -30.96
C ALA A 92 0.83 -10.20 -30.25
N VAL A 93 -0.30 -10.04 -29.56
CA VAL A 93 -0.44 -8.99 -28.57
C VAL A 93 0.20 -9.53 -27.30
N TYR A 94 1.15 -8.79 -26.74
CA TYR A 94 1.82 -9.17 -25.49
C TYR A 94 1.29 -8.36 -24.31
N TYR A 95 0.84 -9.08 -23.30
CA TYR A 95 0.35 -8.47 -22.07
C TYR A 95 1.34 -8.67 -20.94
N CYS A 96 1.57 -7.66 -20.11
CA CYS A 96 2.18 -7.91 -18.82
C CYS A 96 1.05 -8.02 -17.79
N ALA A 97 1.27 -8.85 -16.78
CA ALA A 97 0.28 -9.09 -15.75
C ALA A 97 0.93 -9.27 -14.40
N ARG A 98 0.22 -8.84 -13.36
CA ARG A 98 0.64 -9.06 -12.01
C ARG A 98 0.17 -10.44 -11.59
N ASP A 99 1.09 -11.27 -11.13
CA ASP A 99 0.81 -12.69 -10.87
C ASP A 99 0.74 -12.94 -9.37
N ASP A 100 0.18 -14.09 -9.02
CA ASP A 100 0.18 -14.59 -7.65
C ASP A 100 1.51 -15.30 -7.41
N ASP A 101 1.80 -15.63 -6.15
CA ASP A 101 2.99 -16.40 -5.76
C ASP A 101 2.80 -17.87 -6.12
N TYR A 102 3.62 -18.43 -7.01
CA TYR A 102 3.55 -19.87 -7.31
C TYR A 102 3.76 -20.75 -6.08
N GLU A 103 4.52 -20.25 -5.10
CA GLU A 103 4.71 -20.97 -3.83
C GLU A 103 3.39 -21.22 -3.08
N GLU A 104 2.35 -20.43 -3.36
CA GLU A 104 1.02 -20.61 -2.71
C GLU A 104 0.17 -21.78 -3.28
N TRP A 105 0.59 -22.36 -4.39
CA TRP A 105 -0.07 -23.55 -4.93
C TRP A 105 -0.05 -24.62 -3.82
N PRO A 106 -1.16 -25.32 -3.54
CA PRO A 106 -2.31 -25.51 -4.43
C PRO A 106 -3.40 -24.42 -4.40
N TRP A 107 -3.13 -23.28 -3.75
CA TRP A 107 -4.06 -22.16 -3.70
C TRP A 107 -3.48 -20.98 -4.50
N TYR A 108 -3.27 -21.20 -5.78
CA TYR A 108 -2.80 -20.17 -6.69
C TYR A 108 -4.00 -19.43 -7.29
N TYR A 109 -4.06 -18.11 -7.09
CA TYR A 109 -5.26 -17.33 -7.41
C TYR A 109 -5.21 -16.56 -8.74
N GLY A 110 -4.16 -16.76 -9.52
CA GLY A 110 -4.11 -16.21 -10.87
C GLY A 110 -3.57 -14.79 -10.98
N MET A 111 -3.66 -14.26 -12.19
CA MET A 111 -3.12 -12.93 -12.51
C MET A 111 -4.19 -11.87 -12.33
N ASP A 112 -4.00 -10.99 -11.34
CA ASP A 112 -5.10 -10.13 -10.90
C ASP A 112 -5.10 -8.74 -11.53
N VAL A 113 -4.01 -8.37 -12.18
CA VAL A 113 -3.94 -7.07 -12.86
C VAL A 113 -3.28 -7.28 -14.23
N TRP A 114 -3.89 -6.73 -15.26
CA TRP A 114 -3.39 -6.88 -16.64
C TRP A 114 -3.20 -5.53 -17.30
N GLY A 115 -2.16 -5.41 -18.12
CA GLY A 115 -1.99 -4.23 -18.94
C GLY A 115 -2.96 -4.18 -20.13
N GLN A 116 -2.71 -3.27 -21.06
CA GLN A 116 -3.55 -3.05 -22.22
C GLN A 116 -3.11 -3.91 -23.40
N GLY A 117 -1.87 -4.41 -23.36
CA GLY A 117 -1.30 -5.20 -24.42
C GLY A 117 -0.57 -4.32 -25.44
N THR A 118 0.57 -4.82 -25.93
CA THR A 118 1.28 -4.17 -27.03
C THR A 118 1.41 -5.18 -28.19
N MET A 119 1.16 -4.72 -29.41
CA MET A 119 1.14 -5.59 -30.59
C MET A 119 2.54 -5.78 -31.17
N VAL A 120 2.97 -7.03 -31.27
CA VAL A 120 4.21 -7.40 -31.93
C VAL A 120 3.89 -8.16 -33.20
N THR A 121 4.39 -7.66 -34.33
CA THR A 121 4.21 -8.29 -35.63
C THR A 121 5.57 -8.66 -36.21
N VAL A 122 5.80 -9.96 -36.39
CA VAL A 122 7.03 -10.45 -36.97
C VAL A 122 6.77 -10.84 -38.42
N SER A 123 7.08 -9.93 -39.33
CA SER A 123 6.93 -10.17 -40.75
C SER A 123 7.73 -9.15 -41.55
N ALA B 3 -2.09 -27.73 -23.19
CA ALA B 3 -3.18 -26.79 -22.80
C ALA B 3 -4.25 -27.50 -21.99
N LEU B 4 -5.12 -26.72 -21.38
CA LEU B 4 -6.28 -27.24 -20.69
C LEU B 4 -7.41 -27.31 -21.74
N THR B 5 -8.35 -28.22 -21.56
CA THR B 5 -9.40 -28.42 -22.55
C THR B 5 -10.69 -27.75 -22.10
N GLN B 6 -11.23 -26.87 -22.95
CA GLN B 6 -12.52 -26.22 -22.73
C GLN B 6 -13.37 -26.44 -23.96
N PRO B 7 -14.71 -26.40 -23.82
CA PRO B 7 -15.55 -26.39 -25.03
C PRO B 7 -15.35 -25.11 -25.83
N ALA B 8 -15.47 -25.20 -27.15
CA ALA B 8 -15.22 -24.06 -28.03
C ALA B 8 -16.20 -22.92 -27.74
N SER B 9 -17.47 -23.25 -27.52
CA SER B 9 -18.48 -22.24 -27.28
C SER B 9 -19.67 -22.76 -26.48
N VAL B 10 -20.37 -21.83 -25.85
CA VAL B 10 -21.56 -22.10 -25.07
C VAL B 10 -22.52 -20.94 -25.32
N SER B 11 -23.80 -21.17 -25.06
CA SER B 11 -24.77 -20.12 -25.25
C SER B 11 -26.04 -20.36 -24.47
N GLY B 12 -26.71 -19.26 -24.19
CA GLY B 12 -27.97 -19.27 -23.48
C GLY B 12 -28.63 -17.91 -23.56
N SER B 13 -29.86 -17.84 -23.05
CA SER B 13 -30.64 -16.63 -23.04
C SER B 13 -30.52 -15.92 -21.71
N PRO B 14 -30.91 -14.64 -21.67
CA PRO B 14 -30.87 -13.88 -20.41
C PRO B 14 -31.61 -14.59 -19.28
N GLY B 15 -31.00 -14.63 -18.11
CA GLY B 15 -31.62 -15.26 -16.96
C GLY B 15 -31.31 -16.74 -16.80
N GLN B 16 -30.71 -17.36 -17.81
CA GLN B 16 -30.33 -18.77 -17.75
C GLN B 16 -28.99 -18.97 -17.04
N SER B 17 -28.65 -20.24 -16.79
CA SER B 17 -27.39 -20.58 -16.19
C SER B 17 -26.54 -21.42 -17.13
N ILE B 18 -25.28 -21.03 -17.26
CA ILE B 18 -24.32 -21.70 -18.12
C ILE B 18 -23.13 -22.17 -17.30
N THR B 19 -22.61 -23.33 -17.68
CA THR B 19 -21.45 -23.93 -17.04
C THR B 19 -20.38 -24.27 -18.09
N ILE B 20 -19.17 -23.75 -17.87
CA ILE B 20 -18.02 -23.98 -18.74
C ILE B 20 -17.05 -24.90 -18.01
N SER B 21 -16.72 -26.03 -18.63
CA SER B 21 -15.78 -26.99 -18.04
C SER B 21 -14.34 -26.74 -18.49
N CYS B 22 -13.41 -27.25 -17.71
CA CYS B 22 -12.00 -27.10 -17.98
C CYS B 22 -11.31 -28.35 -17.45
N THR B 23 -10.68 -29.11 -18.33
CA THR B 23 -10.06 -30.38 -17.95
C THR B 23 -8.57 -30.38 -18.21
N GLY B 24 -7.81 -30.78 -17.20
CA GLY B 24 -6.36 -30.81 -17.28
C GLY B 24 -5.83 -32.16 -16.85
N THR B 25 -4.60 -32.18 -16.35
CA THR B 25 -3.96 -33.40 -15.89
C THR B 25 -3.85 -33.40 -14.38
N SER B 26 -3.40 -34.53 -13.85
CA SER B 26 -3.13 -34.68 -12.43
C SER B 26 -2.07 -33.70 -11.94
N SER B 27 -1.18 -33.25 -12.84
CA SER B 27 -0.11 -32.31 -12.51
C SER B 27 -0.53 -30.84 -12.41
N ASP B 28 -1.71 -30.49 -12.89
CA ASP B 28 -2.13 -29.09 -12.90
C ASP B 28 -3.47 -28.93 -12.17
N ILE B 29 -4.59 -29.05 -12.87
CA ILE B 29 -5.89 -28.94 -12.22
C ILE B 29 -5.99 -29.98 -11.09
N GLY B 30 -5.50 -31.19 -11.35
CA GLY B 30 -5.49 -32.26 -10.35
C GLY B 30 -4.77 -31.91 -9.06
N GLY B 31 -3.66 -31.20 -9.16
CA GLY B 31 -2.95 -30.74 -7.96
C GLY B 31 -3.50 -29.45 -7.36
N SER B 32 -4.43 -28.78 -8.04
CA SER B 32 -4.95 -27.49 -7.59
C SER B 32 -6.17 -27.66 -6.68
N LYS B 33 -6.30 -26.81 -5.67
CA LYS B 33 -7.51 -26.77 -4.86
C LYS B 33 -8.44 -25.64 -5.30
N TYR B 34 -7.94 -24.79 -6.19
CA TYR B 34 -8.65 -23.61 -6.65
C TYR B 34 -8.19 -23.40 -8.08
N VAL B 35 -9.13 -23.13 -8.97
CA VAL B 35 -8.79 -22.87 -10.36
C VAL B 35 -9.29 -21.49 -10.77
N SER B 36 -8.39 -20.68 -11.28
CA SER B 36 -8.70 -19.32 -11.67
C SER B 36 -9.25 -19.23 -13.08
N TRP B 37 -10.15 -18.27 -13.28
CA TRP B 37 -10.81 -18.02 -14.56
C TRP B 37 -10.67 -16.55 -14.97
N TYR B 38 -10.60 -16.31 -16.27
CA TYR B 38 -10.49 -14.98 -16.85
C TYR B 38 -11.63 -14.74 -17.83
N GLN B 39 -12.07 -13.49 -17.88
CA GLN B 39 -13.06 -13.06 -18.85
C GLN B 39 -12.40 -12.07 -19.79
N GLN B 40 -12.60 -12.25 -21.09
CA GLN B 40 -12.06 -11.34 -22.08
C GLN B 40 -13.12 -10.88 -23.05
N HIS B 41 -13.45 -9.60 -23.00
CA HIS B 41 -14.37 -8.98 -23.95
C HIS B 41 -13.60 -8.68 -25.22
N PRO B 42 -14.31 -8.58 -26.36
CA PRO B 42 -13.64 -8.29 -27.64
C PRO B 42 -12.83 -7.01 -27.61
N GLY B 43 -11.58 -7.10 -28.07
CA GLY B 43 -10.67 -5.95 -28.12
C GLY B 43 -10.15 -5.52 -26.77
N LYS B 44 -10.31 -6.36 -25.74
CA LYS B 44 -9.88 -5.98 -24.39
C LYS B 44 -8.92 -6.98 -23.81
N ALA B 45 -8.17 -6.55 -22.81
CA ALA B 45 -7.28 -7.44 -22.06
C ALA B 45 -8.12 -8.41 -21.23
N PRO B 46 -7.56 -9.60 -20.93
CA PRO B 46 -8.25 -10.48 -19.99
C PRO B 46 -8.42 -9.83 -18.62
N LYS B 47 -9.43 -10.29 -17.88
CA LYS B 47 -9.70 -9.82 -16.55
C LYS B 47 -9.94 -11.03 -15.63
N LEU B 48 -9.30 -11.05 -14.47
CA LEU B 48 -9.53 -12.10 -13.50
C LEU B 48 -10.96 -12.02 -12.97
N ILE B 49 -11.66 -13.14 -12.98
CA ILE B 49 -12.99 -13.20 -12.42
C ILE B 49 -12.83 -13.35 -10.92
N ILE B 50 -13.41 -12.41 -10.17
CA ILE B 50 -13.31 -12.40 -8.72
C ILE B 50 -14.65 -12.89 -8.19
N PHE B 51 -14.61 -13.92 -7.36
CA PHE B 51 -15.82 -14.53 -6.84
C PHE B 51 -16.23 -13.93 -5.51
N ASP B 52 -17.54 -13.80 -5.31
CA ASP B 52 -18.12 -13.39 -4.04
C ASP B 52 -18.07 -14.57 -3.08
N VAL B 53 -17.80 -14.28 -1.82
CA VAL B 53 -17.80 -15.27 -0.75
C VAL B 53 -19.14 -15.24 0.00
N ASN B 54 -19.77 -14.06 0.10
CA ASN B 54 -21.09 -13.97 0.70
C ASN B 54 -22.17 -14.56 -0.22
N ARG B 55 -23.13 -15.27 0.40
CA ARG B 55 -24.28 -15.82 -0.30
C ARG B 55 -25.40 -14.78 -0.25
N ARG B 56 -26.28 -14.81 -1.23
CA ARG B 56 -27.47 -13.96 -1.18
C ARG B 56 -28.48 -14.55 -0.21
N PRO B 57 -29.25 -13.69 0.47
CA PRO B 57 -30.12 -14.14 1.57
C PRO B 57 -31.19 -15.19 1.20
N SER B 58 -31.67 -15.16 -0.04
CA SER B 58 -32.71 -16.08 -0.49
C SER B 58 -32.15 -17.44 -0.92
N GLY B 59 -30.83 -17.53 -1.09
CA GLY B 59 -30.20 -18.73 -1.64
C GLY B 59 -29.99 -18.65 -3.14
N LEU B 60 -30.41 -17.53 -3.75
CA LEU B 60 -30.14 -17.27 -5.16
C LEU B 60 -28.66 -17.42 -5.42
N SER B 61 -28.32 -18.18 -6.47
CA SER B 61 -26.95 -18.41 -6.83
C SER B 61 -26.25 -17.08 -7.13
N ASN B 62 -24.98 -16.98 -6.76
CA ASN B 62 -24.15 -15.86 -7.19
C ASN B 62 -23.98 -15.90 -8.70
N ARG B 63 -23.86 -14.74 -9.33
CA ARG B 63 -23.76 -14.63 -10.79
C ARG B 63 -22.58 -15.44 -11.33
N PHE B 64 -21.45 -15.36 -10.65
CA PHE B 64 -20.25 -16.11 -11.02
C PHE B 64 -19.83 -17.00 -9.85
N SER B 65 -19.64 -18.29 -10.13
CA SER B 65 -19.10 -19.20 -9.13
C SER B 65 -18.29 -20.27 -9.81
N ALA B 66 -17.46 -20.95 -9.05
CA ALA B 66 -16.58 -21.93 -9.63
C ALA B 66 -16.34 -23.04 -8.67
N SER B 67 -16.00 -24.20 -9.20
CA SER B 67 -15.63 -25.32 -8.37
C SER B 67 -14.72 -26.25 -9.15
N LYS B 68 -14.19 -27.26 -8.48
CA LYS B 68 -13.30 -28.17 -9.16
C LYS B 68 -13.39 -29.52 -8.46
N SER B 69 -13.09 -30.57 -9.21
CA SER B 69 -13.06 -31.91 -8.70
C SER B 69 -12.08 -32.71 -9.56
N GLY B 70 -11.05 -33.26 -8.91
CA GLY B 70 -10.02 -34.02 -9.59
C GLY B 70 -9.38 -33.18 -10.67
N ASN B 71 -9.41 -33.68 -11.90
CA ASN B 71 -8.72 -33.03 -13.01
C ASN B 71 -9.60 -32.06 -13.78
N THR B 72 -10.81 -31.80 -13.28
CA THR B 72 -11.73 -30.91 -13.98
C THR B 72 -12.20 -29.75 -13.10
N ALA B 73 -12.38 -28.60 -13.72
CA ALA B 73 -12.92 -27.43 -13.05
C ALA B 73 -14.08 -26.88 -13.85
N SER B 74 -14.92 -26.10 -13.19
CA SER B 74 -16.13 -25.54 -13.80
C SER B 74 -16.40 -24.14 -13.34
N LEU B 75 -16.69 -23.28 -14.31
CA LEU B 75 -17.17 -21.94 -14.07
C LEU B 75 -18.65 -21.94 -14.40
N THR B 76 -19.47 -21.45 -13.47
CA THR B 76 -20.89 -21.33 -13.68
C THR B 76 -21.27 -19.86 -13.66
N ILE B 77 -21.96 -19.44 -14.71
CA ILE B 77 -22.49 -18.09 -14.84
C ILE B 77 -24.00 -18.19 -14.83
N SER B 78 -24.65 -17.74 -13.74
CA SER B 78 -26.10 -17.76 -13.65
C SER B 78 -26.67 -16.34 -13.79
N GLY B 79 -27.99 -16.26 -13.93
CA GLY B 79 -28.67 -15.01 -14.16
C GLY B 79 -28.01 -14.31 -15.32
N LEU B 80 -27.80 -15.06 -16.40
CA LEU B 80 -27.04 -14.60 -17.56
C LEU B 80 -27.52 -13.23 -18.05
N GLN B 81 -26.55 -12.36 -18.37
CA GLN B 81 -26.84 -11.02 -18.88
C GLN B 81 -26.02 -10.75 -20.13
N ALA B 82 -26.52 -9.83 -20.96
CA ALA B 82 -25.87 -9.47 -22.22
C ALA B 82 -24.38 -9.20 -22.06
N GLU B 83 -24.03 -8.49 -21.00
CA GLU B 83 -22.64 -8.13 -20.73
C GLU B 83 -21.72 -9.33 -20.48
N ASP B 84 -22.28 -10.50 -20.16
CA ASP B 84 -21.47 -11.72 -19.99
C ASP B 84 -20.92 -12.30 -21.29
N GLU B 85 -21.44 -11.82 -22.44
CA GLU B 85 -20.91 -12.21 -23.72
C GLU B 85 -19.42 -11.87 -23.80
N ALA B 86 -18.59 -12.89 -23.98
CA ALA B 86 -17.14 -12.75 -23.89
C ALA B 86 -16.47 -14.10 -24.12
N ASP B 87 -15.14 -14.10 -24.13
CA ASP B 87 -14.36 -15.34 -24.12
C ASP B 87 -13.92 -15.62 -22.69
N TYR B 88 -13.96 -16.90 -22.29
CA TYR B 88 -13.58 -17.32 -20.93
C TYR B 88 -12.41 -18.29 -20.96
N TYR B 89 -11.45 -18.09 -20.06
CA TYR B 89 -10.26 -18.93 -19.99
C TYR B 89 -10.03 -19.41 -18.57
N CYS B 90 -9.80 -20.71 -18.42
CA CYS B 90 -9.26 -21.23 -17.17
C CYS B 90 -7.75 -21.26 -17.26
N THR B 91 -7.13 -21.40 -16.10
CA THR B 91 -5.69 -21.46 -15.99
C THR B 91 -5.31 -22.38 -14.85
N SER B 92 -4.07 -22.82 -14.85
CA SER B 92 -3.54 -23.58 -13.74
C SER B 92 -2.04 -23.45 -13.69
N TYR B 93 -1.51 -23.52 -12.48
CA TYR B 93 -0.09 -23.72 -12.29
C TYR B 93 0.24 -25.16 -12.69
N HIS B 94 1.49 -25.36 -13.09
CA HIS B 94 2.00 -26.67 -13.47
C HIS B 94 3.49 -26.67 -13.13
N PRO B 95 3.98 -27.70 -12.42
CA PRO B 95 5.35 -27.65 -11.91
C PRO B 95 6.48 -27.50 -12.94
N THR B 96 6.31 -28.00 -14.16
CA THR B 96 7.34 -27.84 -15.20
C THR B 96 7.02 -26.84 -16.30
N LYS B 97 5.74 -26.66 -16.60
CA LYS B 97 5.31 -25.71 -17.62
C LYS B 97 4.95 -24.35 -17.03
N THR B 98 4.94 -24.27 -15.70
CA THR B 98 4.64 -23.05 -14.94
C THR B 98 3.18 -22.62 -15.00
N ILE B 99 2.72 -22.06 -16.12
CA ILE B 99 1.33 -21.61 -16.23
C ILE B 99 0.70 -22.10 -17.52
N LEU B 100 -0.44 -22.75 -17.39
CA LEU B 100 -1.21 -23.25 -18.51
C LEU B 100 -2.53 -22.50 -18.59
N PHE B 101 -3.00 -22.34 -19.83
CA PHE B 101 -4.31 -21.78 -20.10
C PHE B 101 -5.13 -22.80 -20.85
N GLY B 102 -6.45 -22.74 -20.64
CA GLY B 102 -7.37 -23.41 -21.54
C GLY B 102 -7.38 -22.71 -22.89
N GLY B 103 -7.96 -23.38 -23.88
CA GLY B 103 -8.04 -22.83 -25.24
C GLY B 103 -9.09 -21.75 -25.41
N GLY B 104 -9.94 -21.59 -24.41
CA GLY B 104 -10.93 -20.52 -24.41
C GLY B 104 -12.29 -20.98 -24.86
N THR B 105 -13.32 -20.38 -24.28
CA THR B 105 -14.69 -20.69 -24.63
C THR B 105 -15.41 -19.40 -24.98
N LYS B 106 -15.99 -19.35 -26.16
CA LYS B 106 -16.79 -18.19 -26.56
C LYS B 106 -18.22 -18.32 -26.01
N LEU B 107 -18.64 -17.38 -25.16
CA LEU B 107 -19.99 -17.38 -24.61
C LEU B 107 -20.86 -16.39 -25.38
N THR B 108 -21.93 -16.89 -25.98
CA THR B 108 -22.91 -16.06 -26.65
C THR B 108 -24.20 -15.99 -25.84
N VAL B 109 -24.70 -14.78 -25.67
CA VAL B 109 -25.98 -14.55 -25.04
C VAL B 109 -27.00 -14.31 -26.15
N LEU B 110 -27.98 -15.21 -26.27
CA LEU B 110 -28.99 -15.17 -27.32
C LEU B 110 -30.15 -14.29 -26.90
N ALA B 111 -31.13 -14.11 -27.81
CA ALA B 111 -32.36 -13.39 -27.48
C ALA B 111 -33.22 -14.22 -26.50
N SER C 1 -15.78 7.82 6.91
CA SER C 1 -16.16 6.58 7.64
C SER C 1 -14.91 5.92 8.23
N THR C 2 -14.82 5.85 9.56
CA THR C 2 -13.68 5.18 10.19
C THR C 2 -13.75 3.66 9.97
N LEU C 3 -14.97 3.12 9.90
CA LEU C 3 -15.14 1.70 9.57
C LEU C 3 -14.49 1.39 8.22
N GLN C 4 -14.85 2.13 7.18
CA GLN C 4 -14.24 1.92 5.86
C GLN C 4 -12.72 2.09 5.90
N LYS C 5 -12.24 3.09 6.65
CA LYS C 5 -10.80 3.32 6.79
C LYS C 5 -10.11 2.12 7.41
N LYS C 6 -10.66 1.61 8.51
CA LYS C 6 -10.03 0.48 9.19
C LYS C 6 -10.02 -0.76 8.30
N ILE C 7 -11.11 -0.99 7.57
CA ILE C 7 -11.19 -2.17 6.70
C ILE C 7 -10.19 -2.07 5.55
N GLU C 8 -10.10 -0.90 4.93
CA GLU C 8 -9.12 -0.68 3.88
C GLU C 8 -7.69 -0.87 4.40
N GLU C 9 -7.43 -0.40 5.61
CA GLU C 9 -6.13 -0.62 6.27
C GLU C 9 -5.83 -2.10 6.39
N ILE C 10 -6.79 -2.89 6.86
CA ILE C 10 -6.58 -4.32 6.98
C ILE C 10 -6.37 -4.97 5.61
N ALA C 11 -7.24 -4.65 4.66
CA ALA C 11 -7.15 -5.27 3.32
C ALA C 11 -5.80 -4.96 2.69
N ALA C 12 -5.30 -3.75 2.93
CA ALA C 12 -3.98 -3.34 2.44
C ALA C 12 -2.85 -4.27 2.88
N LYS C 13 -3.05 -5.03 3.96
CA LYS C 13 -2.06 -6.00 4.41
C LYS C 13 -2.02 -7.26 3.53
N TYR C 14 -3.05 -7.50 2.74
CA TYR C 14 -3.15 -8.73 1.94
C TYR C 14 -2.81 -8.44 0.49
N LYS C 15 -2.10 -9.34 -0.18
CA LYS C 15 -1.51 -9.02 -1.48
C LYS C 15 -2.44 -9.20 -2.67
N HIS C 16 -3.05 -10.38 -2.78
CA HIS C 16 -3.84 -10.74 -3.96
C HIS C 16 -5.23 -10.14 -3.90
N SER C 17 -5.75 -9.70 -5.04
CA SER C 17 -7.12 -9.18 -5.14
C SER C 17 -8.20 -10.11 -4.59
N VAL C 18 -8.06 -11.40 -4.85
CA VAL C 18 -8.98 -12.40 -4.35
C VAL C 18 -9.04 -12.34 -2.84
N VAL C 19 -7.88 -12.23 -2.20
CA VAL C 19 -7.82 -12.19 -0.74
C VAL C 19 -8.36 -10.88 -0.19
N LYS C 20 -8.05 -9.76 -0.86
CA LYS C 20 -8.62 -8.45 -0.47
C LYS C 20 -10.15 -8.47 -0.54
N LYS C 21 -10.68 -9.04 -1.61
CA LYS C 21 -12.12 -9.21 -1.74
C LYS C 21 -12.71 -10.05 -0.60
N CYS C 22 -11.99 -11.09 -0.16
CA CYS C 22 -12.39 -11.90 0.98
C CYS C 22 -12.55 -11.03 2.25
N CYS C 23 -11.63 -10.10 2.46
CA CYS C 23 -11.74 -9.16 3.55
C CYS C 23 -12.98 -8.26 3.42
N TYR C 24 -13.17 -7.63 2.27
CA TYR C 24 -14.34 -6.76 2.08
C TYR C 24 -15.65 -7.53 2.31
N ASP C 25 -15.76 -8.77 1.80
CA ASP C 25 -16.95 -9.57 2.04
C ASP C 25 -17.13 -9.87 3.53
N GLY C 26 -16.04 -10.13 4.23
CA GLY C 26 -16.08 -10.37 5.66
C GLY C 26 -16.65 -9.20 6.44
N ALA C 27 -16.25 -7.99 6.04
CA ALA C 27 -16.71 -6.77 6.71
C ALA C 27 -18.18 -6.48 6.47
N CYS C 28 -18.77 -7.10 5.44
CA CYS C 28 -20.17 -6.89 5.13
C CYS C 28 -21.07 -7.35 6.29
N VAL C 29 -22.10 -6.56 6.58
CA VAL C 29 -22.95 -6.83 7.75
C VAL C 29 -23.82 -8.07 7.56
N ASN C 30 -23.90 -8.88 8.62
CA ASN C 30 -24.75 -10.05 8.66
C ASN C 30 -25.20 -10.30 10.10
N ASN C 31 -26.48 -10.06 10.38
CA ASN C 31 -27.02 -10.16 11.74
C ASN C 31 -27.63 -11.53 12.08
N ASP C 32 -27.62 -12.46 11.13
CA ASP C 32 -28.15 -13.81 11.38
C ASP C 32 -27.05 -14.82 11.74
N GLU C 33 -25.79 -14.50 11.45
CA GLU C 33 -24.70 -15.46 11.62
C GLU C 33 -23.41 -14.84 12.13
N THR C 34 -22.64 -15.63 12.88
CA THR C 34 -21.34 -15.20 13.39
C THR C 34 -20.26 -15.26 12.31
N CYS C 35 -19.13 -14.62 12.59
CA CYS C 35 -17.98 -14.69 11.70
C CYS C 35 -17.55 -16.15 11.52
N GLU C 36 -17.52 -16.91 12.61
CA GLU C 36 -17.12 -18.33 12.57
C GLU C 36 -18.06 -19.18 11.70
N GLN C 37 -19.37 -18.99 11.87
CA GLN C 37 -20.36 -19.67 11.02
C GLN C 37 -20.18 -19.32 9.55
N ARG C 38 -19.94 -18.05 9.25
CA ARG C 38 -19.79 -17.63 7.85
C ARG C 38 -18.50 -18.17 7.26
N ALA C 39 -17.43 -18.16 8.06
CA ALA C 39 -16.11 -18.59 7.61
C ALA C 39 -16.01 -20.10 7.38
N ALA C 40 -16.78 -20.89 8.12
CA ALA C 40 -16.80 -22.35 7.93
C ALA C 40 -17.22 -22.76 6.51
N ARG C 41 -17.94 -21.87 5.84
CA ARG C 41 -18.57 -22.09 4.56
C ARG C 41 -17.70 -21.63 3.37
N ILE C 42 -16.54 -21.04 3.66
CA ILE C 42 -15.65 -20.51 2.62
C ILE C 42 -14.82 -21.59 1.93
N SER C 43 -14.88 -21.61 0.60
CA SER C 43 -14.22 -22.62 -0.24
C SER C 43 -12.93 -22.12 -0.92
N LEU C 44 -12.54 -20.86 -0.70
CA LEU C 44 -11.41 -20.27 -1.41
C LEU C 44 -10.04 -20.41 -0.73
N GLY C 45 -9.98 -21.10 0.40
CA GLY C 45 -8.70 -21.51 0.98
C GLY C 45 -8.28 -20.70 2.18
N PRO C 46 -7.25 -21.16 2.90
CA PRO C 46 -6.80 -20.52 4.15
C PRO C 46 -6.48 -19.03 4.02
N ARG C 47 -5.90 -18.60 2.90
CA ARG C 47 -5.54 -17.19 2.72
C ARG C 47 -6.81 -16.29 2.75
N CYS C 48 -7.86 -16.75 2.09
CA CYS C 48 -9.15 -16.06 2.08
CA CYS C 48 -9.13 -16.05 2.11
C CYS C 48 -9.82 -16.10 3.46
N ILE C 49 -9.82 -17.27 4.09
CA ILE C 49 -10.43 -17.42 5.41
C ILE C 49 -9.77 -16.50 6.42
N LYS C 50 -8.45 -16.39 6.36
CA LYS C 50 -7.70 -15.50 7.24
C LYS C 50 -8.16 -14.07 7.08
N ALA C 51 -8.19 -13.57 5.85
CA ALA C 51 -8.59 -12.20 5.59
C ALA C 51 -10.05 -11.96 5.93
N PHE C 52 -10.89 -12.92 5.58
CA PHE C 52 -12.32 -12.79 5.80
C PHE C 52 -12.59 -12.66 7.29
N THR C 53 -11.94 -13.51 8.06
CA THR C 53 -12.13 -13.57 9.49
C THR C 53 -11.65 -12.28 10.19
N GLU C 54 -10.43 -11.83 9.87
CA GLU C 54 -9.90 -10.61 10.45
C GLU C 54 -10.83 -9.42 10.18
N CYS C 55 -11.23 -9.25 8.93
CA CYS C 55 -12.10 -8.14 8.57
C CYS C 55 -13.51 -8.26 9.16
N CYS C 56 -14.02 -9.49 9.23
CA CYS C 56 -15.34 -9.70 9.83
C CYS C 56 -15.36 -9.33 11.31
N VAL C 57 -14.35 -9.79 12.06
CA VAL C 57 -14.26 -9.57 13.50
C VAL C 57 -14.09 -8.07 13.82
N VAL C 58 -13.23 -7.41 13.06
CA VAL C 58 -12.96 -6.00 13.26
C VAL C 58 -14.20 -5.17 12.96
N ALA C 59 -14.87 -5.47 11.84
CA ALA C 59 -16.10 -4.76 11.47
C ALA C 59 -17.19 -4.92 12.53
N SER C 60 -17.28 -6.11 13.12
CA SER C 60 -18.26 -6.39 14.17
C SER C 60 -17.94 -5.64 15.45
N GLN C 61 -16.66 -5.64 15.83
CA GLN C 61 -16.22 -4.90 17.02
C GLN C 61 -16.51 -3.41 16.87
N LEU C 62 -16.17 -2.85 15.72
CA LEU C 62 -16.41 -1.43 15.45
C LEU C 62 -17.89 -1.08 15.53
N ARG C 63 -18.72 -1.88 14.87
CA ARG C 63 -20.15 -1.58 14.82
C ARG C 63 -20.84 -1.72 16.18
N ALA C 64 -20.35 -2.62 17.01
CA ALA C 64 -20.82 -2.77 18.39
C ALA C 64 -20.64 -1.47 19.16
N ASN C 65 -19.58 -0.73 18.82
CA ASN C 65 -19.40 0.64 19.28
C ASN C 65 -20.21 1.60 18.43
N SER D 1 -16.97 9.26 30.80
CA SER D 1 -16.23 10.05 31.81
C SER D 1 -16.28 11.54 31.48
N THR D 2 -16.90 12.32 32.36
CA THR D 2 -16.87 13.79 32.24
C THR D 2 -15.46 14.36 32.38
N LEU D 3 -14.60 13.66 33.12
CA LEU D 3 -13.20 14.05 33.20
C LEU D 3 -12.54 13.88 31.83
N GLN D 4 -12.73 12.70 31.23
CA GLN D 4 -12.22 12.40 29.90
C GLN D 4 -12.69 13.41 28.86
N LYS D 5 -13.96 13.80 28.94
CA LYS D 5 -14.54 14.75 27.98
C LYS D 5 -13.91 16.11 28.12
N LYS D 6 -13.80 16.58 29.36
CA LYS D 6 -13.19 17.86 29.63
C LYS D 6 -11.71 17.90 29.17
N ILE D 7 -10.97 16.81 29.40
CA ILE D 7 -9.57 16.79 29.00
C ILE D 7 -9.44 16.80 27.47
N GLU D 8 -10.31 16.06 26.80
CA GLU D 8 -10.34 16.07 25.34
C GLU D 8 -10.64 17.47 24.77
N GLU D 9 -11.54 18.21 25.40
CA GLU D 9 -11.82 19.57 24.93
C GLU D 9 -10.62 20.51 25.14
N ILE D 10 -9.83 20.30 26.20
CA ILE D 10 -8.61 21.08 26.38
C ILE D 10 -7.61 20.71 25.30
N ALA D 11 -7.39 19.41 25.11
CA ALA D 11 -6.42 18.94 24.14
C ALA D 11 -6.75 19.40 22.72
N ALA D 12 -8.04 19.57 22.42
CA ALA D 12 -8.47 20.04 21.12
C ALA D 12 -7.99 21.47 20.81
N LYS D 13 -7.64 22.26 21.84
CA LYS D 13 -7.07 23.60 21.61
C LYS D 13 -5.61 23.56 21.10
N TYR D 14 -4.96 22.41 21.22
CA TYR D 14 -3.57 22.27 20.82
C TYR D 14 -3.46 21.53 19.48
N LYS D 15 -2.74 22.11 18.52
CA LYS D 15 -2.75 21.60 17.15
C LYS D 15 -2.02 20.26 16.97
N HIS D 16 -0.80 20.16 17.48
CA HIS D 16 0.07 19.04 17.16
C HIS D 16 -0.17 17.83 18.08
N SER D 17 -0.16 16.62 17.51
CA SER D 17 -0.29 15.37 18.30
C SER D 17 0.68 15.23 19.47
N VAL D 18 1.91 15.69 19.29
CA VAL D 18 2.91 15.67 20.35
C VAL D 18 2.38 16.48 21.52
N VAL D 19 1.79 17.64 21.23
CA VAL D 19 1.36 18.55 22.25
C VAL D 19 0.10 18.01 22.92
N LYS D 20 -0.81 17.41 22.13
CA LYS D 20 -1.97 16.72 22.69
C LYS D 20 -1.54 15.61 23.65
N LYS D 21 -0.50 14.87 23.30
CA LYS D 21 -0.01 13.81 24.14
C LYS D 21 0.54 14.37 25.47
N CYS D 22 1.21 15.52 25.39
CA CYS D 22 1.65 16.25 26.58
C CYS D 22 0.47 16.56 27.51
N CYS D 23 -0.64 17.01 26.93
CA CYS D 23 -1.87 17.22 27.68
C CYS D 23 -2.38 15.94 28.36
N TYR D 24 -2.58 14.86 27.59
CA TYR D 24 -3.04 13.58 28.17
C TYR D 24 -2.13 13.07 29.28
N ASP D 25 -0.82 13.08 29.06
CA ASP D 25 0.12 12.74 30.14
C ASP D 25 -0.03 13.64 31.37
N GLY D 26 -0.21 14.96 31.16
CA GLY D 26 -0.44 15.88 32.26
C GLY D 26 -1.67 15.52 33.09
N ALA D 27 -2.74 15.17 32.39
CA ALA D 27 -3.99 14.74 33.00
C ALA D 27 -3.91 13.43 33.78
N CYS D 28 -2.88 12.64 33.53
CA CYS D 28 -2.74 11.35 34.20
C CYS D 28 -2.49 11.54 35.71
N VAL D 29 -3.18 10.77 36.52
CA VAL D 29 -3.09 10.94 37.97
C VAL D 29 -1.68 10.61 38.50
N ASN D 30 -1.15 11.53 39.30
CA ASN D 30 0.12 11.34 40.00
C ASN D 30 -0.06 11.95 41.37
N ASN D 31 -0.10 11.11 42.39
CA ASN D 31 -0.35 11.57 43.76
C ASN D 31 0.93 11.89 44.53
N ASP D 32 2.09 11.59 43.93
CA ASP D 32 3.37 11.83 44.59
C ASP D 32 3.91 13.23 44.32
N GLU D 33 3.56 13.82 43.18
CA GLU D 33 4.21 15.04 42.72
C GLU D 33 3.21 16.06 42.22
N THR D 34 3.52 17.33 42.43
CA THR D 34 2.70 18.41 41.93
C THR D 34 2.91 18.59 40.42
N CYS D 35 2.02 19.35 39.78
CA CYS D 35 2.17 19.62 38.35
C CYS D 35 3.52 20.29 38.05
N GLU D 36 3.93 21.24 38.89
CA GLU D 36 5.19 21.96 38.63
C GLU D 36 6.43 21.05 38.79
N GLN D 37 6.42 20.20 39.80
CA GLN D 37 7.50 19.21 39.97
C GLN D 37 7.64 18.37 38.71
N ARG D 38 6.52 17.95 38.15
CA ARG D 38 6.50 17.13 36.94
C ARG D 38 6.87 17.96 35.72
N ALA D 39 6.31 19.16 35.61
CA ALA D 39 6.59 20.03 34.50
C ALA D 39 8.06 20.43 34.41
N ALA D 40 8.71 20.59 35.57
CA ALA D 40 10.10 20.98 35.60
C ALA D 40 11.01 19.95 34.91
N ARG D 41 10.54 18.71 34.81
CA ARG D 41 11.31 17.63 34.19
C ARG D 41 11.11 17.50 32.70
N ILE D 42 10.13 18.19 32.13
CA ILE D 42 9.78 17.95 30.73
C ILE D 42 10.83 18.54 29.80
N SER D 43 11.37 17.71 28.92
CA SER D 43 12.44 18.11 28.03
C SER D 43 11.97 18.31 26.58
N LEU D 44 10.66 18.29 26.34
CA LEU D 44 10.10 18.36 24.98
C LEU D 44 9.71 19.74 24.48
N GLY D 45 9.92 20.78 25.28
CA GLY D 45 9.76 22.14 24.77
C GLY D 45 8.54 22.88 25.28
N PRO D 46 8.46 24.18 24.97
CA PRO D 46 7.50 25.11 25.55
C PRO D 46 6.04 24.76 25.29
N ARG D 47 5.67 24.38 24.06
CA ARG D 47 4.26 24.06 23.80
C ARG D 47 3.84 22.84 24.61
N CYS D 48 4.76 21.90 24.78
CA CYS D 48 4.48 20.67 25.56
CA CYS D 48 4.44 20.71 25.56
C CYS D 48 4.26 21.01 27.03
N ILE D 49 5.16 21.84 27.58
CA ILE D 49 5.07 22.22 28.99
C ILE D 49 3.76 22.97 29.23
N LYS D 50 3.41 23.88 28.33
CA LYS D 50 2.15 24.59 28.43
C LYS D 50 0.94 23.68 28.49
N ALA D 51 0.84 22.78 27.50
CA ALA D 51 -0.30 21.87 27.41
C ALA D 51 -0.34 20.91 28.59
N PHE D 52 0.81 20.32 28.91
CA PHE D 52 0.95 19.43 30.06
C PHE D 52 0.34 20.08 31.31
N THR D 53 0.79 21.30 31.58
CA THR D 53 0.37 22.03 32.76
C THR D 53 -1.13 22.33 32.76
N GLU D 54 -1.66 22.80 31.65
CA GLU D 54 -3.10 23.11 31.59
C GLU D 54 -3.94 21.89 31.93
N CYS D 55 -3.65 20.75 31.30
CA CYS D 55 -4.39 19.51 31.54
C CYS D 55 -4.13 18.95 32.94
N CYS D 56 -2.92 19.14 33.45
CA CYS D 56 -2.62 18.71 34.80
C CYS D 56 -3.48 19.50 35.81
N VAL D 57 -3.55 20.80 35.61
CA VAL D 57 -4.29 21.69 36.48
C VAL D 57 -5.77 21.33 36.48
N VAL D 58 -6.34 21.21 35.28
CA VAL D 58 -7.75 20.92 35.15
C VAL D 58 -8.12 19.54 35.70
N ALA D 59 -7.28 18.56 35.43
CA ALA D 59 -7.55 17.21 35.89
C ALA D 59 -7.49 17.14 37.40
N SER D 60 -6.50 17.81 37.99
CA SER D 60 -6.37 17.87 39.45
C SER D 60 -7.62 18.49 40.07
N GLN D 61 -8.07 19.60 39.48
CA GLN D 61 -9.25 20.32 39.99
C GLN D 61 -10.49 19.45 39.91
N LEU D 62 -10.69 18.81 38.76
CA LEU D 62 -11.85 17.95 38.56
C LEU D 62 -11.85 16.74 39.49
N ARG D 63 -10.68 16.12 39.71
CA ARG D 63 -10.60 14.98 40.62
C ARG D 63 -10.84 15.34 42.08
N ALA D 64 -10.48 16.56 42.47
CA ALA D 64 -10.76 17.03 43.83
C ALA D 64 -12.26 17.18 44.06
N ASN D 65 -13.03 17.45 43.01
CA ASN D 65 -14.49 17.57 43.15
C ASN D 65 -15.34 16.30 42.92
N ILE D 66 -14.73 15.20 42.46
CA ILE D 66 -15.47 13.96 42.18
C ILE D 66 -16.17 13.45 43.46
N GLU E 1 -10.30 9.33 13.60
CA GLU E 1 -11.22 10.37 13.04
C GLU E 1 -10.50 11.31 12.07
N VAL E 2 -9.25 11.67 12.36
CA VAL E 2 -8.45 12.44 11.41
C VAL E 2 -8.01 11.54 10.26
N GLN E 3 -8.13 12.03 9.04
CA GLN E 3 -7.77 11.26 7.87
C GLN E 3 -7.26 12.15 6.74
N LEU E 4 -6.24 11.65 6.04
CA LEU E 4 -5.77 12.21 4.80
C LEU E 4 -5.84 11.13 3.73
N LEU E 5 -6.42 11.44 2.58
CA LEU E 5 -6.55 10.47 1.50
C LEU E 5 -6.14 11.09 0.18
N GLU E 6 -5.00 10.62 -0.33
CA GLU E 6 -4.46 11.09 -1.61
C GLU E 6 -5.11 10.37 -2.79
N SER E 7 -5.18 11.04 -3.93
CA SER E 7 -5.56 10.42 -5.19
C SER E 7 -4.86 11.15 -6.34
N GLY E 8 -5.06 10.62 -7.54
CA GLY E 8 -4.57 11.26 -8.75
C GLY E 8 -3.29 10.64 -9.28
N GLY E 9 -2.72 9.69 -8.55
CA GLY E 9 -1.53 8.97 -9.01
C GLY E 9 -1.80 8.11 -10.23
N GLY E 10 -0.73 7.59 -10.82
CA GLY E 10 -0.84 6.71 -11.97
C GLY E 10 0.41 6.72 -12.83
N LEU E 11 0.23 6.41 -14.10
CA LEU E 11 1.33 6.28 -15.04
C LEU E 11 1.38 7.53 -15.91
N VAL E 12 2.60 7.99 -16.20
CA VAL E 12 2.78 9.19 -17.00
C VAL E 12 4.07 9.09 -17.83
N GLN E 13 4.04 9.68 -19.02
CA GLN E 13 5.19 9.67 -19.91
C GLN E 13 6.19 10.70 -19.44
N PRO E 14 7.48 10.48 -19.73
CA PRO E 14 8.48 11.51 -19.39
C PRO E 14 8.13 12.84 -20.09
N GLY E 15 8.23 13.94 -19.37
CA GLY E 15 7.79 15.23 -19.88
C GLY E 15 6.34 15.54 -19.58
N GLY E 16 5.54 14.53 -19.25
CA GLY E 16 4.12 14.69 -18.99
C GLY E 16 3.81 15.36 -17.66
N SER E 17 2.51 15.44 -17.37
CA SER E 17 1.99 16.16 -16.22
C SER E 17 0.96 15.34 -15.45
N LEU E 18 0.81 15.67 -14.17
CA LEU E 18 -0.13 14.98 -13.30
C LEU E 18 -0.48 15.90 -12.14
N ARG E 19 -1.73 15.86 -11.69
CA ARG E 19 -2.17 16.58 -10.51
C ARG E 19 -2.60 15.60 -9.41
N LEU E 20 -1.94 15.70 -8.25
CA LEU E 20 -2.34 14.91 -7.08
C LEU E 20 -3.28 15.74 -6.21
N SER E 21 -4.20 15.04 -5.56
CA SER E 21 -5.12 15.63 -4.58
C SER E 21 -4.97 14.88 -3.27
N CYS E 22 -5.31 15.55 -2.19
CA CYS E 22 -5.37 14.93 -0.88
C CYS E 22 -6.56 15.56 -0.13
N ALA E 23 -7.55 14.74 0.20
CA ALA E 23 -8.73 15.19 0.92
C ALA E 23 -8.51 14.97 2.40
N ALA E 24 -8.75 16.00 3.20
CA ALA E 24 -8.57 15.94 4.64
C ALA E 24 -9.92 15.96 5.34
N SER E 25 -10.03 15.19 6.43
CA SER E 25 -11.23 15.24 7.28
C SER E 25 -10.86 15.03 8.75
N GLY E 26 -11.76 15.49 9.62
CA GLY E 26 -11.64 15.29 11.05
C GLY E 26 -10.86 16.35 11.80
N PHE E 27 -10.38 17.38 11.10
CA PHE E 27 -9.70 18.50 11.76
C PHE E 27 -9.90 19.80 10.99
N THR E 28 -9.51 20.93 11.59
CA THR E 28 -9.70 22.22 10.92
C THR E 28 -8.55 22.41 9.94
N PHE E 29 -8.80 22.02 8.70
CA PHE E 29 -7.77 21.94 7.66
C PHE E 29 -6.96 23.23 7.54
N SER E 30 -7.66 24.35 7.57
CA SER E 30 -7.05 25.67 7.35
C SER E 30 -6.10 26.14 8.45
N SER E 31 -6.14 25.51 9.61
CA SER E 31 -5.21 25.84 10.71
C SER E 31 -3.84 25.21 10.57
N TYR E 32 -3.67 24.28 9.62
CA TYR E 32 -2.46 23.48 9.53
C TYR E 32 -1.67 23.69 8.24
N ALA E 33 -0.35 23.82 8.38
CA ALA E 33 0.57 23.62 7.27
C ALA E 33 0.49 22.14 6.81
N MET E 34 0.66 21.93 5.52
CA MET E 34 0.60 20.61 4.90
C MET E 34 1.82 20.43 4.00
N SER E 35 2.36 19.21 3.96
CA SER E 35 3.49 18.87 3.12
C SER E 35 3.19 17.67 2.22
N TRP E 36 3.93 17.60 1.12
CA TRP E 36 4.08 16.40 0.33
C TRP E 36 5.48 15.86 0.55
N VAL E 37 5.56 14.55 0.77
CA VAL E 37 6.81 13.84 1.00
C VAL E 37 6.73 12.63 0.06
N ARG E 38 7.81 12.33 -0.63
CA ARG E 38 7.82 11.21 -1.53
C ARG E 38 8.88 10.19 -1.15
N GLN E 39 8.71 8.99 -1.70
CA GLN E 39 9.61 7.88 -1.45
C GLN E 39 9.73 7.03 -2.71
N ALA E 40 10.90 7.07 -3.35
CA ALA E 40 11.14 6.21 -4.49
C ALA E 40 11.19 4.75 -4.00
N PRO E 41 10.82 3.80 -4.87
CA PRO E 41 10.76 2.41 -4.43
C PRO E 41 12.10 1.90 -3.87
N GLY E 42 12.07 1.32 -2.68
CA GLY E 42 13.28 0.80 -2.04
C GLY E 42 14.16 1.88 -1.39
N LYS E 43 13.73 3.14 -1.41
CA LYS E 43 14.61 4.26 -0.99
C LYS E 43 14.02 5.07 0.16
N GLY E 44 14.72 6.16 0.54
CA GLY E 44 14.34 6.97 1.68
C GLY E 44 13.24 7.99 1.40
N LEU E 45 12.81 8.67 2.46
CA LEU E 45 11.84 9.74 2.35
C LEU E 45 12.55 10.99 1.88
N GLU E 46 11.88 11.74 1.01
CA GLU E 46 12.37 13.02 0.50
C GLU E 46 11.21 14.01 0.56
N TRP E 47 11.41 15.11 1.27
CA TRP E 47 10.41 16.16 1.34
C TRP E 47 10.35 16.89 0.00
N VAL E 48 9.16 17.24 -0.44
CA VAL E 48 8.91 17.80 -1.78
C VAL E 48 8.49 19.25 -1.70
N SER E 49 7.46 19.51 -0.90
CA SER E 49 6.82 20.82 -0.88
C SER E 49 5.97 20.99 0.39
N ALA E 50 5.79 22.23 0.81
CA ALA E 50 4.92 22.54 1.92
C ALA E 50 4.13 23.82 1.61
N ILE E 51 3.01 23.97 2.30
CA ILE E 51 2.15 25.15 2.15
C ILE E 51 1.52 25.50 3.50
N SER E 52 1.46 26.80 3.80
CA SER E 52 0.93 27.27 5.07
C SER E 52 -0.59 27.11 5.09
N GLY E 53 -1.15 27.21 6.28
CA GLY E 53 -2.59 27.12 6.52
C GLY E 53 -3.46 27.85 5.51
N SER E 54 -3.22 29.14 5.34
CA SER E 54 -4.02 29.95 4.42
C SER E 54 -3.57 29.84 2.95
N GLY E 55 -2.45 29.16 2.69
CA GLY E 55 -1.93 29.08 1.35
C GLY E 55 -1.00 30.23 0.98
N GLY E 56 -0.75 31.14 1.92
CA GLY E 56 0.06 32.32 1.66
C GLY E 56 1.55 32.08 1.51
N SER E 57 2.05 30.96 2.04
CA SER E 57 3.45 30.64 1.95
C SER E 57 3.60 29.25 1.38
N THR E 58 4.47 29.11 0.39
CA THR E 58 4.80 27.78 -0.14
C THR E 58 6.29 27.56 -0.13
N TYR E 59 6.69 26.30 -0.05
CA TYR E 59 8.09 25.94 0.10
C TYR E 59 8.32 24.73 -0.79
N TYR E 60 9.50 24.65 -1.43
CA TYR E 60 9.80 23.57 -2.37
C TYR E 60 11.24 23.10 -2.18
N ALA E 61 11.45 21.80 -2.37
CA ALA E 61 12.78 21.26 -2.48
C ALA E 61 13.36 21.72 -3.80
N ASP E 62 14.66 21.97 -3.81
CA ASP E 62 15.36 22.36 -5.03
C ASP E 62 15.10 21.41 -6.18
N SER E 63 14.96 20.12 -5.88
CA SER E 63 14.78 19.10 -6.92
C SER E 63 13.45 19.21 -7.70
N VAL E 64 12.47 19.90 -7.14
CA VAL E 64 11.17 20.07 -7.81
C VAL E 64 10.82 21.53 -8.13
N LYS E 65 11.64 22.48 -7.67
CA LYS E 65 11.34 23.91 -7.86
C LYS E 65 11.18 24.26 -9.35
N GLY E 66 10.13 25.00 -9.66
CA GLY E 66 9.83 25.37 -11.04
C GLY E 66 9.03 24.31 -11.78
N ARG E 67 9.03 23.06 -11.31
CA ARG E 67 8.25 22.00 -11.94
C ARG E 67 6.94 21.70 -11.22
N PHE E 68 6.97 21.71 -9.89
CA PHE E 68 5.81 21.35 -9.09
C PHE E 68 5.20 22.59 -8.47
N THR E 69 3.89 22.59 -8.30
CA THR E 69 3.20 23.68 -7.65
C THR E 69 2.29 23.08 -6.61
N ILE E 70 2.44 23.53 -5.37
CA ILE E 70 1.58 23.10 -4.28
C ILE E 70 0.50 24.15 -4.10
N SER E 71 -0.73 23.71 -3.84
CA SER E 71 -1.84 24.62 -3.60
C SER E 71 -2.88 23.93 -2.73
N ARG E 72 -3.85 24.70 -2.26
CA ARG E 72 -4.91 24.13 -1.44
C ARG E 72 -6.19 24.89 -1.64
N ASP E 73 -7.30 24.18 -1.47
CA ASP E 73 -8.62 24.74 -1.50
C ASP E 73 -9.22 24.44 -0.13
N ASN E 74 -9.19 25.44 0.74
CA ASN E 74 -9.64 25.21 2.10
C ASN E 74 -11.16 24.98 2.18
N SER E 75 -11.92 25.56 1.24
CA SER E 75 -13.35 25.32 1.17
C SER E 75 -13.70 23.86 0.79
N LYS E 76 -12.73 23.12 0.27
CA LYS E 76 -12.93 21.71 -0.07
C LYS E 76 -12.06 20.80 0.79
N ASN E 77 -11.37 21.35 1.78
CA ASN E 77 -10.43 20.59 2.62
C ASN E 77 -9.49 19.73 1.79
N THR E 78 -8.96 20.34 0.73
CA THR E 78 -8.16 19.61 -0.24
C THR E 78 -6.83 20.29 -0.48
N LEU E 79 -5.79 19.46 -0.51
CA LEU E 79 -4.43 19.84 -0.85
C LEU E 79 -4.12 19.32 -2.25
N TYR E 80 -3.41 20.11 -3.05
CA TYR E 80 -3.04 19.70 -4.42
C TYR E 80 -1.54 19.76 -4.65
N LEU E 81 -1.07 18.95 -5.61
CA LEU E 81 0.28 19.09 -6.12
C LEU E 81 0.22 18.91 -7.62
N GLN E 82 0.46 20.01 -8.33
CA GLN E 82 0.56 19.98 -9.78
C GLN E 82 2.00 19.62 -10.12
N MET E 83 2.19 18.56 -10.88
CA MET E 83 3.53 18.07 -11.21
C MET E 83 3.71 18.13 -12.72
N ASN E 84 4.62 18.98 -13.19
CA ASN E 84 4.93 19.09 -14.61
C ASN E 84 6.34 18.65 -14.92
N SER E 85 6.60 18.45 -16.21
CA SER E 85 7.92 18.09 -16.72
C SER E 85 8.49 16.94 -15.93
N LEU E 86 7.73 15.84 -15.88
CA LEU E 86 8.12 14.71 -15.05
C LEU E 86 9.20 13.88 -15.72
N ARG E 87 10.04 13.26 -14.90
CA ARG E 87 11.00 12.30 -15.42
C ARG E 87 11.13 11.13 -14.47
N ALA E 88 11.88 10.11 -14.90
CA ALA E 88 11.98 8.83 -14.19
C ALA E 88 12.33 8.97 -12.72
N GLU E 89 13.23 9.92 -12.42
CA GLU E 89 13.60 10.23 -11.05
C GLU E 89 12.43 10.60 -10.15
N ASP E 90 11.31 11.04 -10.72
CA ASP E 90 10.14 11.41 -9.91
C ASP E 90 9.23 10.22 -9.54
N THR E 91 9.53 9.04 -10.07
CA THR E 91 8.77 7.82 -9.74
C THR E 91 8.87 7.59 -8.23
N ALA E 92 7.71 7.56 -7.57
CA ALA E 92 7.67 7.44 -6.13
C ALA E 92 6.23 7.32 -5.63
N VAL E 93 6.10 6.92 -4.38
CA VAL E 93 4.86 7.08 -3.65
C VAL E 93 4.89 8.49 -3.10
N TYR E 94 3.83 9.25 -3.35
CA TYR E 94 3.68 10.59 -2.83
C TYR E 94 2.68 10.58 -1.67
N TYR E 95 3.17 11.03 -0.51
CA TYR E 95 2.39 11.11 0.73
C TYR E 95 2.05 12.55 1.07
N CYS E 96 0.79 12.82 1.35
N CYS E 96 0.79 12.76 1.44
CA CYS E 96 0.42 14.10 1.93
CA CYS E 96 0.30 14.02 1.95
C CYS E 96 0.49 13.92 3.44
C CYS E 96 0.40 13.93 3.47
N ALA E 97 0.92 14.97 4.13
CA ALA E 97 1.10 14.92 5.57
C ALA E 97 0.82 16.25 6.22
N ARG E 98 0.28 16.21 7.42
CA ARG E 98 0.02 17.39 8.19
C ARG E 98 1.32 17.78 8.90
N ASP E 99 1.79 19.00 8.66
CA ASP E 99 3.11 19.42 9.15
C ASP E 99 2.96 20.28 10.40
N ASP E 100 4.06 20.47 11.10
CA ASP E 100 4.11 21.38 12.24
C ASP E 100 4.35 22.79 11.72
N ASP E 101 4.29 23.77 12.62
CA ASP E 101 4.53 25.18 12.29
C ASP E 101 6.02 25.46 12.38
N TYR E 102 6.63 25.97 11.30
CA TYR E 102 8.09 26.18 11.29
C TYR E 102 8.56 27.24 12.28
N GLU E 103 7.69 28.16 12.66
CA GLU E 103 8.03 29.19 13.65
C GLU E 103 8.41 28.59 15.00
N GLU E 104 8.04 27.32 15.22
CA GLU E 104 8.29 26.66 16.49
C GLU E 104 9.70 26.04 16.63
N TRP E 105 10.44 25.90 15.52
CA TRP E 105 11.85 25.47 15.58
C TRP E 105 12.51 26.45 16.53
N PRO E 106 13.34 26.04 17.50
CA PRO E 106 14.06 24.76 17.54
C PRO E 106 13.27 23.57 18.09
N TRP E 107 11.97 23.74 18.32
CA TRP E 107 11.12 22.65 18.78
C TRP E 107 10.09 22.29 17.72
N TYR E 108 10.61 21.85 16.57
CA TYR E 108 9.79 21.41 15.45
C TYR E 108 9.47 19.92 15.70
N TYR E 109 8.17 19.56 15.73
CA TYR E 109 7.74 18.22 16.18
C TYR E 109 7.40 17.23 15.06
N GLY E 110 7.61 17.65 13.82
CA GLY E 110 7.44 16.76 12.70
C GLY E 110 6.02 16.70 12.17
N MET E 111 5.79 15.74 11.29
CA MET E 111 4.54 15.58 10.58
C MET E 111 3.73 14.53 11.27
N ASP E 112 2.59 14.93 11.85
CA ASP E 112 1.90 14.07 12.80
C ASP E 112 0.83 13.19 12.18
N VAL E 113 0.32 13.56 11.01
CA VAL E 113 -0.75 12.80 10.33
C VAL E 113 -0.33 12.58 8.88
N TRP E 114 -0.38 11.33 8.42
CA TRP E 114 0.02 10.96 7.07
C TRP E 114 -1.10 10.27 6.33
N GLY E 115 -1.19 10.51 5.02
CA GLY E 115 -2.09 9.73 4.18
C GLY E 115 -1.57 8.34 3.92
N GLN E 116 -2.24 7.62 3.02
CA GLN E 116 -1.82 6.27 2.67
C GLN E 116 -0.87 6.30 1.48
N GLY E 117 -0.77 7.44 0.82
CA GLY E 117 0.14 7.62 -0.31
C GLY E 117 -0.52 7.31 -1.64
N THR E 118 -0.03 7.96 -2.69
CA THR E 118 -0.46 7.67 -4.06
C THR E 118 0.77 7.56 -4.95
N MET E 119 0.83 6.53 -5.79
CA MET E 119 2.05 6.24 -6.53
C MET E 119 2.04 6.88 -7.90
N VAL E 120 3.20 7.39 -8.28
CA VAL E 120 3.39 8.00 -9.58
C VAL E 120 4.56 7.27 -10.22
N THR E 121 4.33 6.68 -11.38
CA THR E 121 5.39 6.02 -12.13
C THR E 121 5.56 6.70 -13.48
N VAL E 122 6.78 7.15 -13.74
CA VAL E 122 7.12 7.80 -14.98
C VAL E 122 7.87 6.86 -15.89
N SER E 123 7.31 6.62 -17.08
CA SER E 123 8.05 6.13 -18.29
C SER E 123 7.16 5.26 -19.15
N GLN F 1 24.18 11.54 -1.45
CA GLN F 1 23.96 11.05 -0.06
C GLN F 1 22.80 11.78 0.61
N SER F 2 22.15 11.11 1.56
CA SER F 2 21.04 11.71 2.31
C SER F 2 21.54 12.85 3.20
N ALA F 3 20.69 13.84 3.42
CA ALA F 3 21.11 15.03 4.16
C ALA F 3 21.50 14.73 5.63
N LEU F 4 20.78 13.82 6.29
CA LEU F 4 21.14 13.41 7.66
C LEU F 4 21.66 11.97 7.61
N THR F 5 22.70 11.68 8.37
CA THR F 5 23.38 10.39 8.26
C THR F 5 22.92 9.44 9.37
N GLN F 6 22.40 8.28 8.97
CA GLN F 6 22.03 7.21 9.90
C GLN F 6 22.71 5.91 9.48
N PRO F 7 22.90 4.98 10.42
CA PRO F 7 23.40 3.67 9.99
C PRO F 7 22.38 2.96 9.08
N ALA F 8 22.89 2.17 8.16
CA ALA F 8 22.04 1.43 7.22
C ALA F 8 21.10 0.48 7.96
N SER F 9 21.63 -0.22 8.97
CA SER F 9 20.84 -1.21 9.68
C SER F 9 21.33 -1.44 11.10
N VAL F 10 20.39 -1.87 11.93
CA VAL F 10 20.65 -2.28 13.30
C VAL F 10 19.85 -3.54 13.57
N SER F 11 20.23 -4.28 14.60
CA SER F 11 19.49 -5.48 14.95
C SER F 11 19.73 -5.92 16.38
N GLY F 12 18.78 -6.68 16.91
CA GLY F 12 18.90 -7.25 18.24
C GLY F 12 17.80 -8.26 18.50
N SER F 13 17.88 -8.88 19.68
CA SER F 13 16.93 -9.89 20.12
C SER F 13 15.87 -9.26 21.01
N PRO F 14 14.72 -9.93 21.17
CA PRO F 14 13.68 -9.35 22.01
C PRO F 14 14.17 -9.09 23.43
N GLY F 15 13.73 -7.99 24.03
CA GLY F 15 14.16 -7.60 25.37
C GLY F 15 15.34 -6.65 25.40
N GLN F 16 16.08 -6.57 24.29
CA GLN F 16 17.29 -5.74 24.24
C GLN F 16 17.01 -4.27 23.91
N SER F 17 18.05 -3.46 24.00
CA SER F 17 18.01 -2.04 23.72
C SER F 17 18.92 -1.76 22.53
N ILE F 18 18.37 -1.05 21.55
CA ILE F 18 19.09 -0.65 20.35
C ILE F 18 19.08 0.87 20.25
N THR F 19 20.18 1.44 19.75
CA THR F 19 20.30 2.89 19.57
C THR F 19 20.67 3.20 18.12
N ILE F 20 19.93 4.13 17.54
CA ILE F 20 20.09 4.57 16.16
C ILE F 20 20.54 6.02 16.17
N SER F 21 21.66 6.32 15.54
CA SER F 21 22.13 7.70 15.50
C SER F 21 21.71 8.44 14.23
N CYS F 22 21.77 9.76 14.31
CA CYS F 22 21.40 10.65 13.24
C CYS F 22 22.29 11.87 13.34
N THR F 23 23.10 12.12 12.32
CA THR F 23 24.08 13.21 12.38
C THR F 23 23.85 14.18 11.23
N GLY F 24 23.73 15.46 11.59
CA GLY F 24 23.50 16.52 10.64
C GLY F 24 24.56 17.57 10.82
N THR F 25 24.17 18.82 10.59
CA THR F 25 25.05 19.97 10.62
C THR F 25 24.53 20.97 11.64
N SER F 26 25.31 22.01 11.88
CA SER F 26 24.91 23.04 12.82
C SER F 26 23.67 23.81 12.36
N SER F 27 23.32 23.78 11.07
CA SER F 27 22.11 24.44 10.55
C SER F 27 20.83 23.64 10.71
N ASP F 28 20.93 22.37 11.10
CA ASP F 28 19.74 21.55 11.22
C ASP F 28 19.66 20.88 12.59
N ILE F 29 20.25 19.70 12.74
CA ILE F 29 20.24 19.03 14.04
C ILE F 29 20.86 19.97 15.07
N GLY F 30 21.96 20.62 14.70
CA GLY F 30 22.66 21.56 15.58
C GLY F 30 21.86 22.77 16.06
N GLY F 31 20.88 23.19 15.28
CA GLY F 31 19.99 24.26 15.72
C GLY F 31 18.72 23.75 16.37
N SER F 32 18.54 22.43 16.42
CA SER F 32 17.33 21.84 16.96
C SER F 32 17.50 21.50 18.43
N LYS F 33 16.44 21.68 19.22
CA LYS F 33 16.44 21.26 20.61
C LYS F 33 15.64 19.97 20.79
N TYR F 34 14.96 19.55 19.74
CA TYR F 34 14.16 18.35 19.74
C TYR F 34 14.34 17.78 18.34
N VAL F 35 14.56 16.48 18.22
CA VAL F 35 14.63 15.86 16.90
C VAL F 35 13.55 14.82 16.73
N SER F 36 12.78 14.95 15.67
CA SER F 36 11.66 14.07 15.39
C SER F 36 12.08 12.79 14.65
N TRP F 37 11.38 11.69 14.94
CA TRP F 37 11.65 10.40 14.33
C TRP F 37 10.35 9.78 13.81
N TYR F 38 10.50 8.96 12.77
CA TYR F 38 9.40 8.21 12.19
C TYR F 38 9.71 6.74 12.16
N GLN F 39 8.66 5.95 12.34
CA GLN F 39 8.71 4.53 12.13
C GLN F 39 7.94 4.19 10.88
N GLN F 40 8.51 3.37 9.99
CA GLN F 40 7.79 2.91 8.79
C GLN F 40 7.83 1.39 8.63
N HIS F 41 6.68 0.75 8.77
CA HIS F 41 6.58 -0.68 8.52
C HIS F 41 6.49 -0.92 7.02
N PRO F 42 6.87 -2.14 6.56
CA PRO F 42 6.80 -2.45 5.13
C PRO F 42 5.41 -2.24 4.56
N GLY F 43 5.31 -1.49 3.46
CA GLY F 43 4.02 -1.24 2.82
C GLY F 43 3.11 -0.23 3.52
N LYS F 44 3.62 0.45 4.56
CA LYS F 44 2.82 1.44 5.26
C LYS F 44 3.43 2.82 5.14
N ALA F 45 2.60 3.84 5.34
CA ALA F 45 3.09 5.20 5.45
C ALA F 45 3.96 5.32 6.71
N PRO F 46 4.88 6.29 6.71
CA PRO F 46 5.58 6.64 7.93
C PRO F 46 4.62 7.02 9.07
N LYS F 47 5.03 6.74 10.29
CA LYS F 47 4.27 7.09 11.48
C LYS F 47 5.19 7.91 12.40
N LEU F 48 4.72 9.07 12.85
CA LEU F 48 5.49 9.88 13.78
C LEU F 48 5.57 9.14 15.11
N ILE F 49 6.76 9.05 15.66
CA ILE F 49 6.96 8.43 16.97
C ILE F 49 6.66 9.49 18.04
N ILE F 50 5.66 9.22 18.85
CA ILE F 50 5.23 10.15 19.90
C ILE F 50 5.83 9.69 21.21
N PHE F 51 6.68 10.50 21.80
CA PHE F 51 7.36 10.10 23.04
C PHE F 51 6.49 10.33 24.28
N ASP F 52 6.60 9.39 25.23
CA ASP F 52 5.94 9.54 26.52
C ASP F 52 6.60 10.66 27.32
N VAL F 53 5.80 11.39 28.09
CA VAL F 53 6.29 12.47 28.94
C VAL F 53 6.43 11.97 30.38
N ASN F 54 5.43 11.28 30.89
CA ASN F 54 5.51 10.72 32.23
C ASN F 54 6.58 9.63 32.29
N ARG F 55 7.31 9.57 33.39
CA ARG F 55 8.31 8.52 33.61
CA ARG F 55 8.29 8.49 33.55
C ARG F 55 7.60 7.27 34.10
N ARG F 56 8.18 6.12 33.83
CA ARG F 56 7.66 4.87 34.38
C ARG F 56 8.09 4.85 35.82
N PRO F 57 7.15 4.59 36.74
CA PRO F 57 7.46 4.70 38.16
C PRO F 57 8.57 3.75 38.63
N SER F 58 8.72 2.60 37.98
CA SER F 58 9.80 1.65 38.31
C SER F 58 11.19 2.18 37.95
N GLY F 59 11.24 3.14 37.04
CA GLY F 59 12.50 3.64 36.51
C GLY F 59 12.91 2.94 35.22
N LEU F 60 12.14 1.95 34.78
CA LEU F 60 12.40 1.32 33.49
C LEU F 60 12.34 2.37 32.39
N SER F 61 13.24 2.25 31.43
CA SER F 61 13.28 3.17 30.29
C SER F 61 12.01 3.04 29.46
N ASN F 62 11.57 4.17 28.91
CA ASN F 62 10.49 4.14 27.94
C ASN F 62 10.92 3.26 26.77
N ARG F 63 9.95 2.62 26.13
CA ARG F 63 10.22 1.77 24.99
C ARG F 63 10.88 2.58 23.87
N PHE F 64 10.37 3.79 23.63
CA PHE F 64 10.98 4.69 22.67
C PHE F 64 11.43 5.95 23.38
N SER F 65 12.71 6.28 23.24
CA SER F 65 13.19 7.56 23.75
C SER F 65 14.24 8.12 22.82
N ALA F 66 14.45 9.42 22.92
CA ALA F 66 15.34 10.11 22.01
C ALA F 66 16.08 11.19 22.75
N SER F 67 17.30 11.46 22.31
CA SER F 67 18.06 12.57 22.84
C SER F 67 18.90 13.17 21.74
N LYS F 68 19.47 14.35 22.00
CA LYS F 68 20.41 14.94 21.05
C LYS F 68 21.45 15.80 21.77
N SER F 69 22.56 16.01 21.07
CA SER F 69 23.63 16.85 21.54
C SER F 69 24.43 17.37 20.37
N GLY F 70 24.55 18.69 20.27
CA GLY F 70 25.23 19.34 19.16
C GLY F 70 24.61 18.88 17.85
N ASN F 71 25.44 18.34 16.94
CA ASN F 71 24.98 18.00 15.60
C ASN F 71 24.46 16.57 15.47
N THR F 72 24.34 15.87 16.59
CA THR F 72 23.97 14.48 16.57
C THR F 72 22.73 14.20 17.45
N ALA F 73 21.93 13.23 17.02
CA ALA F 73 20.71 12.83 17.70
C ALA F 73 20.66 11.31 17.74
N SER F 74 19.88 10.77 18.66
CA SER F 74 19.79 9.32 18.85
C SER F 74 18.38 8.91 19.21
N LEU F 75 17.95 7.81 18.62
CA LEU F 75 16.73 7.16 19.04
C LEU F 75 17.10 5.84 19.69
N THR F 76 16.56 5.60 20.88
CA THR F 76 16.78 4.35 21.58
C THR F 76 15.46 3.60 21.72
N ILE F 77 15.47 2.35 21.25
CA ILE F 77 14.34 1.46 21.37
C ILE F 77 14.74 0.35 22.33
N SER F 78 14.09 0.29 23.48
CA SER F 78 14.39 -0.73 24.48
C SER F 78 13.19 -1.61 24.74
N GLY F 79 13.42 -2.72 25.42
CA GLY F 79 12.38 -3.73 25.63
C GLY F 79 11.92 -4.23 24.27
N LEU F 80 12.89 -4.47 23.40
CA LEU F 80 12.64 -4.70 21.98
C LEU F 80 11.62 -5.83 21.75
N GLN F 81 10.67 -5.59 20.85
CA GLN F 81 9.63 -6.56 20.48
CA GLN F 81 9.63 -6.56 20.49
C GLN F 81 9.64 -6.76 18.98
N ALA F 82 9.07 -7.87 18.52
CA ALA F 82 9.04 -8.19 17.09
C ALA F 82 8.43 -7.06 16.24
N GLU F 83 7.37 -6.45 16.76
CA GLU F 83 6.66 -5.39 16.05
C GLU F 83 7.51 -4.14 15.81
N ASP F 84 8.64 -4.03 16.49
CA ASP F 84 9.57 -2.92 16.31
C ASP F 84 10.37 -3.02 15.01
N GLU F 85 10.38 -4.20 14.41
CA GLU F 85 10.99 -4.40 13.09
C GLU F 85 10.34 -3.47 12.07
N ALA F 86 11.13 -2.54 11.56
CA ALA F 86 10.64 -1.49 10.67
C ALA F 86 11.83 -0.62 10.21
N ASP F 87 11.59 0.34 9.33
CA ASP F 87 12.60 1.36 9.00
C ASP F 87 12.36 2.59 9.86
N TYR F 88 13.44 3.19 10.35
CA TYR F 88 13.37 4.41 11.16
C TYR F 88 14.11 5.58 10.49
N TYR F 89 13.46 6.73 10.47
CA TYR F 89 13.99 7.95 9.88
C TYR F 89 14.00 9.09 10.89
N CYS F 90 15.12 9.79 10.98
CA CYS F 90 15.13 11.09 11.64
C CYS F 90 14.81 12.18 10.63
N THR F 91 14.42 13.32 11.16
CA THR F 91 14.12 14.49 10.35
C THR F 91 14.61 15.73 11.09
N SER F 92 14.85 16.80 10.33
CA SER F 92 15.08 18.12 10.91
C SER F 92 14.60 19.22 10.01
N TYR F 93 14.09 20.29 10.61
CA TYR F 93 13.94 21.54 9.92
C TYR F 93 15.31 22.08 9.53
N HIS F 94 15.36 22.82 8.43
CA HIS F 94 16.57 23.49 7.96
C HIS F 94 16.13 24.82 7.37
N PRO F 95 16.80 25.92 7.74
CA PRO F 95 16.29 27.24 7.32
C PRO F 95 16.13 27.45 5.80
N THR F 96 17.01 26.90 4.99
CA THR F 96 16.89 27.04 3.53
C THR F 96 16.39 25.80 2.77
N LYS F 97 16.62 24.59 3.30
CA LYS F 97 16.14 23.36 2.66
C LYS F 97 14.78 22.92 3.20
N THR F 98 14.34 23.60 4.27
CA THR F 98 13.05 23.40 4.94
C THR F 98 12.97 22.09 5.74
N ILE F 99 12.89 20.94 5.08
CA ILE F 99 12.79 19.67 5.79
C ILE F 99 13.80 18.70 5.22
N LEU F 100 14.60 18.13 6.11
CA LEU F 100 15.59 17.10 5.77
C LEU F 100 15.20 15.78 6.40
N PHE F 101 15.54 14.68 5.73
CA PHE F 101 15.40 13.34 6.31
C PHE F 101 16.73 12.62 6.35
N GLY F 102 16.87 11.71 7.30
CA GLY F 102 17.94 10.76 7.29
C GLY F 102 17.67 9.75 6.19
N GLY F 103 18.70 8.99 5.82
CA GLY F 103 18.57 7.95 4.80
C GLY F 103 17.77 6.72 5.24
N GLY F 104 17.48 6.62 6.53
CA GLY F 104 16.70 5.49 7.08
C GLY F 104 17.58 4.38 7.64
N THR F 105 17.11 3.74 8.70
CA THR F 105 17.79 2.62 9.29
C THR F 105 16.79 1.45 9.36
N LYS F 106 17.17 0.32 8.76
CA LYS F 106 16.38 -0.89 8.88
C LYS F 106 16.71 -1.60 10.19
N LEU F 107 15.71 -1.74 11.05
CA LEU F 107 15.86 -2.49 12.29
C LEU F 107 15.30 -3.90 12.12
N THR F 108 16.14 -4.90 12.39
CA THR F 108 15.75 -6.32 12.40
C THR F 108 15.69 -6.87 13.82
N VAL F 109 14.62 -7.57 14.14
CA VAL F 109 14.52 -8.24 15.43
C VAL F 109 14.70 -9.72 15.14
N LEU F 110 15.77 -10.30 15.69
CA LEU F 110 16.16 -11.66 15.33
C LEU F 110 16.03 -12.59 16.53
S SO4 G . -2.02 -12.95 0.53
O1 SO4 G . -2.42 -11.84 1.41
O2 SO4 G . -2.32 -12.59 -0.88
O3 SO4 G . -2.77 -14.15 1.00
O4 SO4 G . -0.57 -13.21 0.70
S SO4 H . -9.48 28.71 -0.30
O1 SO4 H . -10.64 28.06 0.39
O2 SO4 H . -9.73 28.57 -1.76
O3 SO4 H . -8.18 28.03 0.07
O4 SO4 H . -9.39 30.14 0.08
S SO4 I . 22.17 20.50 22.04
O1 SO4 I . 21.37 21.66 22.52
O2 SO4 I . 22.33 20.63 20.58
O3 SO4 I . 21.44 19.25 22.36
O4 SO4 I . 23.52 20.48 22.66
S SO4 J . 5.48 3.86 18.06
O1 SO4 J . 4.01 3.71 18.17
O2 SO4 J . 5.90 3.78 16.64
O3 SO4 J . 6.11 2.76 18.81
O4 SO4 J . 5.91 5.17 18.62
#